data_6D7A
#
_entry.id   6D7A
#
_cell.length_a   101.980
_cell.length_b   50.850
_cell.length_c   105.340
_cell.angle_alpha   90.00
_cell.angle_beta   90.13
_cell.angle_gamma   90.00
#
_symmetry.space_group_name_H-M   'C 1 2 1'
#
loop_
_entity.id
_entity.type
_entity.pdbx_description
1 polymer 'Perforin-like protein 1'
2 non-polymer 'SODIUM ION'
3 water water
#
_entity_poly.entity_id   1
_entity_poly.type   'polypeptide(L)'
_entity_poly.pdbx_seq_one_letter_code
;SNAVGLTPQDLSALTGVTRNLPKQLTQATQVAWSGPPPGFAKCPGGQVVILGFAMHLNFKEPGTDNFRIISCPPGREKCD
GVGTASSETDEGRIYILCGEEPINEIQQVVAESPAHAGASVLEASCPDETVVVGGFGISVRGGSDGLDSFSIESCTTGQT
ICTKAPTRGSEKNFLWMMCVDKQYPGLRELVNVAELGSHGNANKRAVNSDGNVDVKCPANSSIVLGYVMEAHTNMQFVRD
KFLQCPENASECKMTGKGVDHGMLWLFDRHALFGWIICKTVNEPAMHVATDVGKAKGNGKKKKGRKGKNKTNAPNEVEEG
QQLGADSPSQVSVPADADSGPTSKTMSSLKLAPVKLLDL
;
_entity_poly.pdbx_strand_id   A,B
#
# COMPACT_ATOMS: atom_id res chain seq x y z
N GLY A 16 50.83 -0.50 12.98
CA GLY A 16 51.41 -0.23 11.67
C GLY A 16 52.46 0.86 11.72
N VAL A 17 53.11 1.10 10.59
CA VAL A 17 54.16 2.12 10.54
C VAL A 17 53.61 3.53 10.57
N THR A 18 52.31 3.69 10.32
CA THR A 18 51.69 5.01 10.18
C THR A 18 50.63 5.13 11.25
N ARG A 19 50.77 6.08 12.15
CA ARG A 19 49.79 6.33 13.21
C ARG A 19 49.14 7.64 12.82
N ASN A 20 48.10 7.55 11.98
CA ASN A 20 47.44 8.75 11.45
C ASN A 20 46.16 8.31 10.80
N LEU A 21 45.03 8.57 11.45
CA LEU A 21 43.80 7.90 11.05
C LEU A 21 43.37 8.25 9.63
N PRO A 22 43.39 9.51 9.19
CA PRO A 22 42.99 9.80 7.80
C PRO A 22 43.83 9.05 6.77
N LYS A 23 45.15 8.98 6.96
CA LYS A 23 45.98 8.26 6.01
C LYS A 23 45.71 6.77 6.05
N GLN A 24 45.60 6.18 7.25
CA GLN A 24 45.39 4.74 7.36
C GLN A 24 44.06 4.34 6.73
N LEU A 25 43.01 5.12 6.95
CA LEU A 25 41.71 4.77 6.39
C LEU A 25 41.68 4.94 4.87
N THR A 26 42.36 5.97 4.35
CA THR A 26 42.38 6.23 2.91
C THR A 26 43.13 5.13 2.18
N GLN A 27 44.23 4.63 2.76
CA GLN A 27 45.07 3.66 2.06
C GLN A 27 44.47 2.26 2.06
N ALA A 28 43.58 1.95 2.99
CA ALA A 28 42.89 0.67 3.04
C ALA A 28 41.95 0.51 1.85
N THR A 29 41.64 -0.74 1.50
CA THR A 29 40.79 -1.04 0.35
C THR A 29 39.34 -1.20 0.75
N GLN A 30 38.45 -0.49 0.04
CA GLN A 30 37.02 -0.61 0.24
C GLN A 30 36.45 -1.72 -0.65
N VAL A 31 35.47 -2.46 -0.12
CA VAL A 31 34.75 -3.48 -0.87
C VAL A 31 33.26 -3.33 -0.55
N ALA A 32 32.42 -3.31 -1.58
CA ALA A 32 30.96 -3.28 -1.43
C ALA A 32 30.36 -4.47 -2.15
N TRP A 33 29.54 -5.23 -1.45
CA TRP A 33 28.99 -6.49 -1.95
C TRP A 33 27.48 -6.52 -1.80
N SER A 34 26.81 -7.06 -2.83
CA SER A 34 25.36 -7.26 -2.80
CA SER A 34 25.36 -7.26 -2.83
C SER A 34 25.02 -8.69 -3.20
N GLY A 35 24.01 -9.25 -2.53
CA GLY A 35 23.51 -10.56 -2.88
C GLY A 35 22.50 -11.05 -1.87
N PRO A 36 21.93 -12.22 -2.09
CA PRO A 36 21.00 -12.79 -1.09
C PRO A 36 21.68 -12.94 0.26
N PRO A 37 20.95 -12.73 1.34
CA PRO A 37 21.57 -12.82 2.67
C PRO A 37 21.68 -14.26 3.13
N PRO A 38 22.55 -14.56 4.12
CA PRO A 38 23.40 -13.56 4.78
C PRO A 38 24.54 -13.03 3.88
N GLY A 39 25.13 -13.93 3.09
CA GLY A 39 26.23 -13.58 2.21
C GLY A 39 27.52 -13.30 2.96
N PHE A 40 28.52 -12.90 2.18
CA PHE A 40 29.79 -12.46 2.73
C PHE A 40 30.52 -11.62 1.68
N ALA A 41 31.33 -10.68 2.17
CA ALA A 41 32.26 -9.91 1.35
C ALA A 41 33.67 -10.30 1.75
N LYS A 42 34.56 -10.45 0.77
CA LYS A 42 35.91 -10.92 1.00
C LYS A 42 36.92 -9.81 0.78
N CYS A 43 37.92 -9.72 1.66
CA CYS A 43 39.02 -8.78 1.43
C CYS A 43 39.90 -9.27 0.29
N PRO A 44 40.58 -8.37 -0.41
CA PRO A 44 41.61 -8.79 -1.36
C PRO A 44 42.63 -9.67 -0.67
N GLY A 45 43.21 -10.58 -1.44
CA GLY A 45 44.10 -11.57 -0.89
C GLY A 45 45.20 -10.92 -0.06
N GLY A 46 45.44 -11.46 1.13
CA GLY A 46 46.45 -10.93 2.00
C GLY A 46 45.98 -9.82 2.92
N GLN A 47 44.77 -9.31 2.74
CA GLN A 47 44.27 -8.28 3.62
C GLN A 47 43.21 -8.84 4.55
N VAL A 48 42.94 -8.10 5.62
CA VAL A 48 41.95 -8.46 6.63
C VAL A 48 41.08 -7.24 6.92
N VAL A 49 39.92 -7.50 7.51
CA VAL A 49 38.97 -6.45 7.81
C VAL A 49 39.52 -5.51 8.87
N ILE A 50 39.42 -4.21 8.61
CA ILE A 50 39.63 -3.16 9.61
C ILE A 50 38.32 -2.75 10.27
N LEU A 51 37.30 -2.55 9.45
CA LEU A 51 35.98 -2.14 9.91
C LEU A 51 35.00 -2.44 8.78
N GLY A 52 33.71 -2.40 9.11
CA GLY A 52 32.69 -2.56 8.09
C GLY A 52 31.36 -2.89 8.71
N PHE A 53 30.36 -3.07 7.84
CA PHE A 53 29.02 -3.41 8.29
C PHE A 53 28.40 -4.39 7.32
N ALA A 54 27.42 -5.15 7.84
CA ALA A 54 26.57 -6.01 7.02
C ALA A 54 25.12 -5.68 7.33
N MET A 55 24.34 -5.47 6.28
CA MET A 55 22.92 -5.21 6.38
CA MET A 55 22.91 -5.24 6.41
C MET A 55 22.11 -6.36 5.79
N HIS A 56 20.96 -6.61 6.40
CA HIS A 56 19.85 -7.32 5.78
CA HIS A 56 19.84 -7.32 5.79
C HIS A 56 18.75 -6.29 5.57
N LEU A 57 18.21 -6.21 4.35
CA LEU A 57 17.19 -5.23 4.00
C LEU A 57 16.13 -5.92 3.17
N ASN A 58 14.87 -5.49 3.34
CA ASN A 58 13.76 -5.94 2.50
C ASN A 58 12.74 -4.81 2.52
N PHE A 59 12.58 -4.15 1.38
CA PHE A 59 11.68 -3.00 1.29
C PHE A 59 10.34 -3.34 0.65
N LYS A 60 9.93 -4.61 0.76
CA LYS A 60 8.62 -5.05 0.30
C LYS A 60 7.79 -5.69 1.40
N GLU A 61 8.35 -6.65 2.14
CA GLU A 61 7.56 -7.41 3.10
C GLU A 61 7.17 -6.54 4.29
N PRO A 62 6.06 -6.83 4.94
CA PRO A 62 5.63 -6.02 6.08
C PRO A 62 6.51 -6.19 7.30
N GLY A 63 6.43 -5.20 8.19
CA GLY A 63 7.07 -5.28 9.49
C GLY A 63 8.47 -4.72 9.44
N THR A 64 9.18 -4.87 10.56
CA THR A 64 10.54 -4.34 10.66
C THR A 64 11.61 -5.38 10.95
N ASP A 65 11.26 -6.66 11.05
CA ASP A 65 12.27 -7.67 11.38
C ASP A 65 13.30 -7.86 10.28
N ASN A 66 12.96 -7.52 9.03
CA ASN A 66 13.87 -7.74 7.92
C ASN A 66 14.89 -6.63 7.72
N PHE A 67 15.01 -5.70 8.67
CA PHE A 67 16.06 -4.68 8.65
C PHE A 67 17.01 -4.96 9.81
N ARG A 68 18.29 -5.12 9.49
CA ARG A 68 19.31 -5.45 10.48
C ARG A 68 20.63 -4.90 10.01
N ILE A 69 21.43 -4.36 10.94
CA ILE A 69 22.82 -4.03 10.68
C ILE A 69 23.69 -4.64 11.77
N ILE A 70 24.83 -5.21 11.37
CA ILE A 70 25.83 -5.70 12.31
C ILE A 70 27.19 -5.18 11.86
N SER A 71 28.14 -5.16 12.78
CA SER A 71 29.51 -4.78 12.45
CA SER A 71 29.49 -4.77 12.41
C SER A 71 30.26 -5.97 11.84
N CYS A 72 31.31 -5.66 11.05
CA CYS A 72 32.21 -6.67 10.53
C CYS A 72 33.41 -6.76 11.46
N PRO A 73 33.59 -7.85 12.19
CA PRO A 73 34.70 -7.93 13.17
C PRO A 73 36.06 -7.82 12.50
N PRO A 74 37.02 -7.18 13.16
CA PRO A 74 38.33 -6.95 12.53
C PRO A 74 39.22 -8.18 12.55
N GLY A 75 40.12 -8.22 11.58
CA GLY A 75 41.13 -9.26 11.52
C GLY A 75 40.72 -10.50 10.78
N ARG A 76 39.49 -10.56 10.29
CA ARG A 76 38.99 -11.66 9.51
C ARG A 76 39.25 -11.41 8.02
N GLU A 77 39.34 -12.49 7.25
CA GLU A 77 39.55 -12.35 5.82
C GLU A 77 38.30 -11.96 5.06
N LYS A 78 37.14 -12.07 5.70
CA LYS A 78 35.87 -11.74 5.08
C LYS A 78 34.95 -11.21 6.17
N CYS A 79 33.85 -10.59 5.75
CA CYS A 79 32.75 -10.24 6.64
C CYS A 79 31.52 -11.06 6.25
N ASP A 80 31.07 -11.91 7.17
CA ASP A 80 29.84 -12.65 7.01
C ASP A 80 28.64 -11.78 7.38
N GLY A 81 27.57 -11.93 6.61
CA GLY A 81 26.37 -11.15 6.81
C GLY A 81 25.40 -11.74 7.80
N VAL A 82 24.14 -11.30 7.68
CA VAL A 82 23.14 -11.59 8.69
C VAL A 82 21.78 -11.68 8.02
N GLY A 83 20.87 -12.37 8.69
CA GLY A 83 19.53 -12.54 8.18
C GLY A 83 19.43 -13.71 7.22
N THR A 84 18.18 -14.03 6.84
CA THR A 84 17.91 -15.22 6.05
C THR A 84 17.18 -14.85 4.76
N ALA A 85 17.41 -15.66 3.72
CA ALA A 85 16.82 -15.44 2.40
C ALA A 85 15.47 -16.15 2.31
N SER A 86 14.47 -15.56 2.97
CA SER A 86 13.15 -16.18 3.02
C SER A 86 12.34 -15.88 1.77
N SER A 87 12.59 -14.75 1.13
CA SER A 87 11.94 -14.35 -0.11
CA SER A 87 11.96 -14.38 -0.12
C SER A 87 13.00 -13.71 -1.01
N GLU A 88 12.68 -13.60 -2.30
CA GLU A 88 13.63 -12.92 -3.21
C GLU A 88 13.85 -11.46 -2.83
N THR A 89 12.88 -10.84 -2.16
CA THR A 89 13.02 -9.45 -1.76
C THR A 89 13.93 -9.25 -0.55
N ASP A 90 14.40 -10.32 0.10
CA ASP A 90 15.43 -10.21 1.12
C ASP A 90 16.78 -10.05 0.44
N GLU A 91 17.55 -9.06 0.86
CA GLU A 91 18.87 -8.81 0.29
C GLU A 91 19.89 -8.48 1.36
N GLY A 92 21.14 -8.82 1.07
CA GLY A 92 22.28 -8.43 1.87
C GLY A 92 23.08 -7.34 1.19
N ARG A 93 23.64 -6.45 2.00
CA ARG A 93 24.54 -5.41 1.52
C ARG A 93 25.66 -5.31 2.54
N ILE A 94 26.90 -5.61 2.12
CA ILE A 94 28.04 -5.70 3.01
C ILE A 94 29.12 -4.75 2.53
N TYR A 95 29.66 -3.95 3.44
CA TYR A 95 30.70 -2.98 3.17
C TYR A 95 31.87 -3.24 4.10
N ILE A 96 33.07 -3.39 3.56
CA ILE A 96 34.27 -3.57 4.36
C ILE A 96 35.40 -2.67 3.90
N LEU A 97 36.25 -2.33 4.86
CA LEU A 97 37.53 -1.68 4.64
C LEU A 97 38.60 -2.66 5.10
N CYS A 98 39.54 -2.98 4.20
CA CYS A 98 40.53 -4.04 4.40
C CYS A 98 41.94 -3.47 4.35
N GLY A 99 42.82 -4.03 5.17
CA GLY A 99 44.21 -3.62 5.14
C GLY A 99 45.11 -4.73 5.61
N GLU A 100 46.39 -4.42 5.79
CA GLU A 100 47.35 -5.46 6.17
C GLU A 100 47.07 -5.99 7.58
N GLU A 101 46.61 -5.14 8.49
CA GLU A 101 46.33 -5.54 9.86
C GLU A 101 45.22 -4.65 10.40
N PRO A 102 44.52 -5.07 11.45
CA PRO A 102 43.51 -4.21 12.06
C PRO A 102 44.12 -2.98 12.70
N ILE A 103 43.26 -1.99 12.94
CA ILE A 103 43.61 -0.83 13.76
C ILE A 103 43.00 -1.09 15.13
N ASN A 104 43.81 -1.55 16.09
CA ASN A 104 43.24 -2.05 17.33
C ASN A 104 42.53 -0.97 18.15
N GLU A 105 42.88 0.29 17.95
CA GLU A 105 42.22 1.39 18.65
C GLU A 105 40.78 1.63 18.20
N ILE A 106 40.35 1.06 17.06
CA ILE A 106 38.98 1.21 16.58
C ILE A 106 38.08 0.19 17.25
N GLN A 107 36.90 0.63 17.68
CA GLN A 107 35.86 -0.26 18.17
C GLN A 107 34.55 0.11 17.49
N GLN A 108 33.78 -0.87 17.07
CA GLN A 108 32.55 -0.66 16.34
C GLN A 108 31.34 -0.92 17.23
N VAL A 109 30.25 -0.21 16.97
CA VAL A 109 29.02 -0.32 17.75
C VAL A 109 27.83 -0.30 16.79
N VAL A 110 26.86 -1.18 17.01
CA VAL A 110 25.59 -1.12 16.32
C VAL A 110 24.48 -1.05 17.35
N ALA A 111 23.33 -0.56 16.91
CA ALA A 111 22.13 -0.52 17.74
C ALA A 111 20.91 -0.55 16.82
N GLU A 112 19.81 -1.08 17.34
CA GLU A 112 18.54 -1.01 16.63
C GLU A 112 17.40 -0.92 17.64
N SER A 113 16.31 -0.35 17.18
CA SER A 113 15.08 -0.33 17.97
C SER A 113 14.35 -1.68 17.93
N PRO A 114 13.71 -2.04 19.05
CA PRO A 114 12.81 -3.20 19.06
C PRO A 114 11.64 -3.02 18.12
N ALA A 115 11.10 -4.14 17.65
CA ALA A 115 9.80 -4.10 17.00
C ALA A 115 8.85 -3.29 17.87
N HIS A 116 8.18 -2.32 17.25
CA HIS A 116 7.16 -1.49 17.90
C HIS A 116 7.74 -0.43 18.84
N ALA A 117 9.06 -0.35 18.99
CA ALA A 117 9.69 0.72 19.75
C ALA A 117 10.33 1.78 18.85
N GLY A 118 9.87 1.90 17.61
CA GLY A 118 10.50 2.80 16.68
C GLY A 118 10.15 4.27 16.85
N ALA A 119 9.13 4.59 17.64
CA ALA A 119 8.70 5.98 17.82
C ALA A 119 9.66 6.80 18.68
N SER A 120 10.59 6.17 19.36
CA SER A 120 11.53 6.87 20.22
C SER A 120 12.87 7.00 19.51
N VAL A 121 13.75 7.79 20.13
CA VAL A 121 15.08 8.05 19.58
C VAL A 121 16.02 6.92 19.95
N LEU A 122 16.75 6.42 18.96
CA LEU A 122 17.76 5.41 19.19
C LEU A 122 19.06 6.08 19.56
N GLU A 123 19.74 5.57 20.58
CA GLU A 123 20.99 6.09 21.07
C GLU A 123 21.99 4.97 21.21
N ALA A 124 23.23 5.26 20.86
CA ALA A 124 24.35 4.36 21.07
C ALA A 124 25.53 5.18 21.51
N SER A 125 26.31 4.65 22.44
CA SER A 125 27.46 5.36 22.96
CA SER A 125 27.46 5.36 22.97
C SER A 125 28.75 4.61 22.64
N CYS A 126 29.81 5.37 22.50
CA CYS A 126 31.11 4.77 22.32
C CYS A 126 31.61 4.16 23.64
N PRO A 127 32.39 3.09 23.56
CA PRO A 127 32.98 2.52 24.78
C PRO A 127 33.84 3.55 25.51
N ASP A 128 34.00 3.31 26.81
CA ASP A 128 34.68 4.25 27.69
C ASP A 128 35.95 4.83 27.08
N GLU A 129 36.07 6.15 27.14
CA GLU A 129 37.25 6.90 26.72
C GLU A 129 37.43 6.96 25.20
N THR A 130 36.49 6.43 24.41
CA THR A 130 36.60 6.57 22.96
C THR A 130 35.57 7.59 22.47
N VAL A 131 35.81 8.09 21.26
CA VAL A 131 34.93 9.07 20.61
C VAL A 131 34.63 8.60 19.18
N VAL A 132 33.57 9.18 18.62
CA VAL A 132 33.11 8.80 17.29
C VAL A 132 34.13 9.17 16.23
N VAL A 133 34.45 8.20 15.37
CA VAL A 133 35.09 8.46 14.09
C VAL A 133 34.04 8.80 13.04
N GLY A 134 33.05 7.94 12.91
CA GLY A 134 31.95 8.21 12.00
C GLY A 134 30.96 7.06 12.03
N GLY A 135 29.98 7.18 11.15
CA GLY A 135 28.92 6.20 11.09
C GLY A 135 27.64 6.86 10.62
N PHE A 136 26.55 6.09 10.66
CA PHE A 136 25.28 6.60 10.19
C PHE A 136 24.15 5.82 10.85
N GLY A 137 22.98 6.47 10.87
CA GLY A 137 21.75 5.82 11.28
C GLY A 137 20.69 5.97 10.22
N ILE A 138 19.82 4.96 10.15
CA ILE A 138 18.76 4.88 9.15
C ILE A 138 17.44 4.60 9.88
N SER A 139 16.38 5.23 9.40
CA SER A 139 15.03 4.88 9.83
C SER A 139 14.23 4.42 8.63
N VAL A 140 13.36 3.44 8.86
CA VAL A 140 12.70 2.65 7.80
C VAL A 140 11.32 2.23 8.31
N ARG A 141 10.51 1.74 7.39
CA ARG A 141 9.23 1.08 7.64
C ARG A 141 9.12 -0.03 6.60
N GLY A 142 8.46 -1.13 6.96
CA GLY A 142 8.21 -2.23 6.04
C GLY A 142 7.06 -1.93 5.12
N GLY A 143 6.70 -2.93 4.31
CA GLY A 143 5.64 -2.82 3.33
C GLY A 143 6.11 -2.22 2.01
N SER A 144 5.27 -2.36 0.98
CA SER A 144 5.68 -1.94 -0.36
CA SER A 144 5.67 -1.94 -0.36
C SER A 144 5.87 -0.44 -0.45
N ASP A 145 5.22 0.35 0.43
CA ASP A 145 5.35 1.78 0.44
C ASP A 145 6.30 2.28 1.51
N GLY A 146 6.97 1.39 2.23
CA GLY A 146 7.69 1.77 3.43
C GLY A 146 8.87 2.69 3.19
N LEU A 147 9.46 2.64 1.99
CA LEU A 147 10.52 3.60 1.68
C LEU A 147 10.04 5.04 1.69
N ASP A 148 8.74 5.31 1.69
CA ASP A 148 8.28 6.68 1.88
C ASP A 148 8.72 7.24 3.23
N SER A 149 9.06 6.38 4.20
CA SER A 149 9.52 6.81 5.51
C SER A 149 11.04 6.71 5.69
N PHE A 150 11.81 6.52 4.62
CA PHE A 150 13.26 6.33 4.76
C PHE A 150 13.97 7.64 5.09
N SER A 151 14.95 7.56 6.00
CA SER A 151 15.85 8.68 6.24
C SER A 151 17.21 8.13 6.65
N ILE A 152 18.25 8.95 6.44
CA ILE A 152 19.61 8.66 6.91
C ILE A 152 20.18 9.90 7.58
N GLU A 153 20.97 9.71 8.64
CA GLU A 153 21.67 10.79 9.29
CA GLU A 153 21.65 10.78 9.36
C GLU A 153 23.07 10.31 9.64
N SER A 154 24.08 11.16 9.46
CA SER A 154 25.44 10.78 9.83
C SER A 154 25.68 10.96 11.32
N CYS A 155 26.55 10.13 11.86
CA CYS A 155 27.12 10.36 13.18
C CYS A 155 28.21 11.42 13.04
N THR A 156 28.62 12.00 14.15
CA THR A 156 29.44 13.21 14.14
C THR A 156 30.75 12.98 14.86
N THR A 157 31.87 13.17 14.13
CA THR A 157 33.20 12.94 14.66
C THR A 157 33.43 13.73 15.94
N GLY A 158 33.93 13.05 16.96
CA GLY A 158 34.35 13.70 18.20
C GLY A 158 33.32 13.69 19.31
N GLN A 159 32.10 13.24 19.04
CA GLN A 159 31.12 13.03 20.10
C GLN A 159 31.36 11.69 20.78
N THR A 160 30.65 11.44 21.88
CA THR A 160 30.68 10.15 22.55
C THR A 160 29.44 9.32 22.26
N ILE A 161 28.53 9.81 21.43
CA ILE A 161 27.22 9.23 21.20
C ILE A 161 26.87 9.42 19.72
N CYS A 162 25.97 8.57 19.24
CA CYS A 162 25.27 8.81 17.98
C CYS A 162 23.81 8.44 18.22
N THR A 163 22.92 9.24 17.63
CA THR A 163 21.50 9.02 17.79
C THR A 163 20.80 9.07 16.44
N LYS A 164 19.63 8.44 16.36
CA LYS A 164 18.78 8.49 15.18
C LYS A 164 17.34 8.63 15.65
N ALA A 165 16.66 9.64 15.17
CA ALA A 165 15.30 9.91 15.57
C ALA A 165 14.32 9.46 14.50
N PRO A 166 13.12 9.04 14.88
CA PRO A 166 12.14 8.66 13.89
C PRO A 166 11.72 9.88 13.10
N THR A 167 11.35 9.64 11.86
CA THR A 167 10.77 10.74 11.11
C THR A 167 10.00 10.16 9.93
N ARG A 168 9.05 10.94 9.42
CA ARG A 168 8.34 10.58 8.20
C ARG A 168 7.55 9.28 8.33
N GLY A 169 7.10 8.92 9.54
CA GLY A 169 6.32 7.72 9.76
C GLY A 169 7.11 6.43 9.91
N SER A 170 8.41 6.52 10.15
CA SER A 170 9.24 5.33 10.30
C SER A 170 8.86 4.52 11.52
N GLU A 171 9.14 3.21 11.45
CA GLU A 171 8.86 2.27 12.53
C GLU A 171 10.07 1.55 13.07
N LYS A 172 11.26 1.76 12.51
CA LYS A 172 12.46 1.18 13.06
C LYS A 172 13.63 2.13 12.79
N ASN A 173 14.51 2.23 13.77
CA ASN A 173 15.78 2.92 13.63
C ASN A 173 16.91 1.93 13.82
N PHE A 174 18.01 2.10 13.08
CA PHE A 174 19.21 1.30 13.30
C PHE A 174 20.43 2.16 12.97
N LEU A 175 21.58 1.81 13.56
CA LEU A 175 22.78 2.59 13.31
C LEU A 175 24.03 1.73 13.49
N TRP A 176 25.10 2.18 12.81
CA TRP A 176 26.44 1.60 12.92
C TRP A 176 27.42 2.74 13.03
N MET A 177 28.38 2.62 13.94
CA MET A 177 29.43 3.60 14.06
C MET A 177 30.75 2.95 14.45
N MET A 178 31.80 3.72 14.21
CA MET A 178 33.15 3.39 14.63
CA MET A 178 33.15 3.38 14.65
C MET A 178 33.62 4.44 15.63
N CYS A 179 34.27 3.98 16.70
CA CYS A 179 34.85 4.82 17.74
C CYS A 179 36.34 4.55 17.82
N VAL A 180 37.08 5.51 18.39
CA VAL A 180 38.53 5.38 18.52
C VAL A 180 38.98 6.08 19.78
N ASP A 181 40.11 5.63 20.31
CA ASP A 181 40.73 6.30 21.45
C ASP A 181 40.85 7.79 21.17
N LYS A 182 40.50 8.59 22.18
CA LYS A 182 40.29 10.02 21.97
C LYS A 182 41.54 10.75 21.49
N GLN A 183 42.74 10.23 21.78
CA GLN A 183 43.96 10.91 21.38
C GLN A 183 44.52 10.43 20.04
N TYR A 184 43.77 9.66 19.28
CA TYR A 184 44.34 9.05 18.09
C TYR A 184 44.72 10.14 17.07
N PRO A 185 45.96 10.14 16.57
CA PRO A 185 46.37 11.23 15.66
C PRO A 185 45.53 11.34 14.40
N GLY A 186 45.18 12.58 14.05
CA GLY A 186 44.51 12.90 12.81
C GLY A 186 43.00 12.88 12.90
N LEU A 187 42.44 12.44 14.02
CA LEU A 187 40.99 12.29 14.13
C LEU A 187 40.29 13.61 13.82
N ARG A 188 40.90 14.72 14.24
CA ARG A 188 40.30 16.03 14.08
C ARG A 188 40.16 16.45 12.63
N GLU A 189 40.87 15.82 11.70
CA GLU A 189 40.80 16.13 10.28
C GLU A 189 39.62 15.48 9.58
N LEU A 190 38.83 14.65 10.27
CA LEU A 190 37.75 13.88 9.67
C LEU A 190 36.40 14.56 9.86
N VAL A 191 35.52 14.40 8.88
CA VAL A 191 34.13 14.87 8.93
C VAL A 191 33.24 13.86 8.19
N ASN A 192 32.04 13.65 8.70
CA ASN A 192 31.05 12.76 8.12
C ASN A 192 30.00 13.56 7.36
N VAL A 193 29.51 12.98 6.26
CA VAL A 193 28.38 13.51 5.50
C VAL A 193 27.48 12.35 5.08
N ALA A 194 26.17 12.47 5.32
CA ALA A 194 25.21 11.53 4.75
C ALA A 194 24.16 12.34 4.00
N GLU A 195 23.60 11.75 2.94
CA GLU A 195 22.65 12.44 2.09
CA GLU A 195 22.62 12.44 2.12
C GLU A 195 21.55 11.48 1.63
N LEU A 196 20.31 11.94 1.63
CA LEU A 196 19.20 11.32 0.93
C LEU A 196 18.99 12.13 -0.34
N GLY A 197 19.16 11.49 -1.49
CA GLY A 197 18.90 12.10 -2.77
C GLY A 197 17.50 11.81 -3.25
N SER A 198 17.37 11.53 -4.55
CA SER A 198 16.04 11.32 -5.11
C SER A 198 15.36 10.12 -4.46
N HIS A 199 14.07 10.26 -4.21
CA HIS A 199 13.31 9.21 -3.58
C HIS A 199 11.83 9.43 -3.86
N GLY A 200 11.04 8.38 -3.67
CA GLY A 200 9.64 8.34 -4.06
C GLY A 200 9.37 7.20 -5.01
N ASN A 201 8.38 7.37 -5.87
CA ASN A 201 8.12 6.33 -6.86
C ASN A 201 9.30 6.20 -7.81
N ALA A 202 9.66 4.97 -8.14
CA ALA A 202 10.65 4.68 -9.15
C ALA A 202 10.08 4.89 -10.54
N ASN A 203 10.98 5.08 -11.51
CA ASN A 203 10.62 5.29 -12.91
C ASN A 203 11.42 4.35 -13.81
N LYS A 204 10.79 3.28 -14.27
CA LYS A 204 11.45 2.26 -15.09
C LYS A 204 11.63 2.67 -16.54
N ARG A 205 11.33 3.92 -16.87
CA ARG A 205 11.60 4.44 -18.20
C ARG A 205 12.70 5.50 -18.17
N ALA A 206 13.31 5.77 -17.00
CA ALA A 206 14.49 6.62 -16.87
C ALA A 206 15.70 5.69 -16.88
N VAL A 207 16.28 5.50 -18.07
CA VAL A 207 17.28 4.46 -18.31
C VAL A 207 18.55 4.79 -17.54
N ASN A 208 18.81 4.05 -16.45
CA ASN A 208 19.98 4.29 -15.62
C ASN A 208 20.11 5.75 -15.22
N SER A 209 18.98 6.45 -15.11
N SER A 209 18.98 6.45 -15.10
CA SER A 209 18.97 7.88 -14.85
CA SER A 209 18.97 7.88 -14.84
C SER A 209 17.78 8.24 -13.97
C SER A 209 17.81 8.26 -13.92
N ASP A 210 17.36 7.32 -13.10
CA ASP A 210 16.16 7.51 -12.28
C ASP A 210 16.54 8.24 -11.00
N GLY A 211 16.67 9.56 -11.11
CA GLY A 211 17.13 10.37 -10.01
C GLY A 211 18.61 10.13 -9.71
N ASN A 212 19.09 10.76 -8.63
CA ASN A 212 20.49 10.62 -8.25
C ASN A 212 20.67 10.98 -6.78
N VAL A 213 21.84 10.60 -6.27
CA VAL A 213 22.35 11.12 -5.01
C VAL A 213 23.74 11.68 -5.28
N ASP A 214 24.05 12.77 -4.59
CA ASP A 214 25.34 13.46 -4.70
C ASP A 214 25.80 13.82 -3.29
N VAL A 215 26.69 13.01 -2.72
CA VAL A 215 27.18 13.22 -1.35
C VAL A 215 28.47 14.02 -1.47
N LYS A 216 28.48 15.24 -0.92
CA LYS A 216 29.56 16.19 -1.14
C LYS A 216 30.38 16.41 0.12
N CYS A 217 31.70 16.41 -0.03
CA CYS A 217 32.56 16.83 1.07
C CYS A 217 32.43 18.34 1.27
N PRO A 218 32.63 18.83 2.49
CA PRO A 218 32.83 20.28 2.66
C PRO A 218 34.06 20.75 1.90
N ALA A 219 34.05 22.04 1.54
CA ALA A 219 35.18 22.64 0.85
C ALA A 219 36.47 22.39 1.60
N ASN A 220 37.53 22.08 0.85
CA ASN A 220 38.87 21.85 1.39
C ASN A 220 38.98 20.51 2.11
N SER A 221 38.06 19.59 1.84
N SER A 221 38.06 19.59 1.83
CA SER A 221 38.19 18.21 2.28
CA SER A 221 38.19 18.21 2.25
C SER A 221 37.84 17.29 1.11
C SER A 221 37.93 17.31 1.05
N SER A 222 38.34 16.06 1.16
CA SER A 222 38.12 15.08 0.10
C SER A 222 37.88 13.72 0.72
N ILE A 223 37.39 12.80 -0.11
CA ILE A 223 36.85 11.54 0.41
C ILE A 223 37.96 10.63 0.94
N VAL A 224 37.71 10.07 2.13
CA VAL A 224 38.46 8.95 2.70
C VAL A 224 37.84 7.63 2.26
N LEU A 225 36.55 7.47 2.54
CA LEU A 225 35.80 6.24 2.26
C LEU A 225 34.32 6.59 2.26
N GLY A 226 33.49 5.67 1.78
CA GLY A 226 32.05 5.81 1.91
C GLY A 226 31.36 4.92 0.91
N TYR A 227 30.03 5.06 0.83
CA TYR A 227 29.27 4.30 -0.15
C TYR A 227 28.05 5.10 -0.58
N VAL A 228 27.52 4.68 -1.74
CA VAL A 228 26.21 5.12 -2.23
C VAL A 228 25.40 3.87 -2.58
N MET A 229 24.08 3.96 -2.43
CA MET A 229 23.20 2.82 -2.65
C MET A 229 21.87 3.31 -3.19
N GLU A 230 21.23 2.49 -4.03
CA GLU A 230 19.79 2.64 -4.32
C GLU A 230 19.03 1.64 -3.46
N ALA A 231 18.26 2.16 -2.49
CA ALA A 231 17.24 1.37 -1.82
C ALA A 231 16.03 1.27 -2.76
N HIS A 232 15.34 0.14 -2.73
CA HIS A 232 14.27 -0.13 -3.69
C HIS A 232 13.35 -1.18 -3.10
N THR A 233 12.03 -1.05 -3.39
CA THR A 233 11.06 -2.07 -2.98
C THR A 233 11.58 -3.48 -3.30
N ASN A 234 12.19 -3.64 -4.47
CA ASN A 234 12.72 -4.92 -4.95
C ASN A 234 14.24 -4.84 -5.02
N MET A 235 14.88 -4.99 -3.85
CA MET A 235 16.34 -4.84 -3.75
C MET A 235 17.09 -5.84 -4.63
N GLN A 236 16.47 -6.98 -4.94
CA GLN A 236 17.11 -8.01 -5.73
C GLN A 236 17.37 -7.56 -7.16
N PHE A 237 16.78 -6.46 -7.61
CA PHE A 237 16.96 -5.96 -8.97
C PHE A 237 17.88 -4.73 -9.05
N VAL A 238 18.46 -4.29 -7.94
CA VAL A 238 19.36 -3.13 -7.94
C VAL A 238 20.67 -3.45 -7.24
N ARG A 239 21.13 -4.70 -7.35
CA ARG A 239 22.36 -5.12 -6.67
C ARG A 239 23.57 -4.33 -7.15
N ASP A 240 23.57 -3.90 -8.41
CA ASP A 240 24.68 -3.11 -8.95
C ASP A 240 24.73 -1.70 -8.39
N LYS A 241 23.63 -1.24 -7.81
CA LYS A 241 23.53 0.12 -7.27
C LYS A 241 23.93 0.12 -5.79
N PHE A 242 25.17 -0.30 -5.55
CA PHE A 242 25.80 -0.27 -4.22
C PHE A 242 27.29 -0.22 -4.50
N LEU A 243 27.92 0.93 -4.28
CA LEU A 243 29.30 1.14 -4.70
C LEU A 243 30.03 1.95 -3.63
N GLN A 244 31.31 1.64 -3.47
CA GLN A 244 32.18 2.43 -2.63
CA GLN A 244 32.20 2.42 -2.64
C GLN A 244 32.40 3.80 -3.26
N CYS A 245 32.84 4.75 -2.43
CA CYS A 245 33.07 6.11 -2.88
C CYS A 245 34.56 6.38 -3.15
N PRO A 246 34.87 7.21 -4.15
CA PRO A 246 36.25 7.30 -4.64
C PRO A 246 37.16 8.15 -3.73
N GLU A 247 38.30 7.58 -3.36
CA GLU A 247 39.25 8.28 -2.52
C GLU A 247 39.69 9.57 -3.18
N ASN A 248 39.78 10.63 -2.38
CA ASN A 248 40.28 11.94 -2.74
C ASN A 248 39.42 12.69 -3.75
N ALA A 249 38.21 12.20 -4.04
CA ALA A 249 37.25 12.99 -4.80
C ALA A 249 36.52 13.95 -3.88
N SER A 250 35.90 14.97 -4.49
CA SER A 250 35.14 15.96 -3.74
CA SER A 250 35.14 15.95 -3.73
C SER A 250 33.71 15.52 -3.45
N GLU A 251 33.22 14.46 -4.11
CA GLU A 251 31.84 14.03 -3.95
C GLU A 251 31.72 12.61 -4.48
N CYS A 252 30.60 11.97 -4.14
CA CYS A 252 30.28 10.60 -4.50
C CYS A 252 28.86 10.62 -5.07
N LYS A 253 28.69 10.13 -6.31
CA LYS A 253 27.43 10.26 -7.03
C LYS A 253 26.96 8.91 -7.54
N MET A 254 25.64 8.74 -7.61
CA MET A 254 25.04 7.54 -8.19
CA MET A 254 25.04 7.57 -8.23
C MET A 254 23.66 7.91 -8.75
N THR A 255 23.32 7.34 -9.92
CA THR A 255 21.98 7.46 -10.48
C THR A 255 21.12 6.24 -10.13
N GLY A 256 19.80 6.43 -10.16
CA GLY A 256 18.89 5.30 -10.04
C GLY A 256 18.84 4.47 -11.30
N LYS A 257 18.65 3.17 -11.12
CA LYS A 257 18.70 2.23 -12.23
C LYS A 257 17.52 2.39 -13.19
N GLY A 258 16.33 2.67 -12.65
CA GLY A 258 15.11 2.70 -13.43
C GLY A 258 14.44 1.33 -13.47
N VAL A 259 13.90 0.92 -12.32
CA VAL A 259 13.32 -0.41 -12.11
C VAL A 259 11.98 -0.21 -11.43
N ASP A 260 10.94 -0.96 -11.86
CA ASP A 260 9.63 -0.85 -11.22
C ASP A 260 8.83 -2.09 -11.56
N HIS A 261 8.67 -3.00 -10.60
CA HIS A 261 7.87 -4.22 -10.79
C HIS A 261 6.46 -4.09 -10.23
N GLY A 262 6.01 -2.88 -9.90
CA GLY A 262 4.66 -2.73 -9.39
C GLY A 262 3.62 -3.15 -10.42
N MET A 263 2.57 -3.81 -9.97
CA MET A 263 1.51 -4.28 -10.86
C MET A 263 0.49 -3.18 -11.15
N LEU A 264 0.04 -3.13 -12.40
CA LEU A 264 -1.05 -2.25 -12.83
C LEU A 264 -0.66 -0.79 -12.57
N TRP A 265 -1.30 -0.12 -11.62
CA TRP A 265 -1.09 1.30 -11.37
C TRP A 265 -0.17 1.58 -10.19
N LEU A 266 0.32 0.53 -9.52
CA LEU A 266 1.17 0.68 -8.37
C LEU A 266 2.62 0.88 -8.79
N PHE A 267 3.33 1.77 -8.10
CA PHE A 267 4.74 2.02 -8.34
C PHE A 267 5.58 1.48 -7.20
N ASP A 268 6.60 0.69 -7.53
CA ASP A 268 7.69 0.47 -6.57
C ASP A 268 8.26 1.81 -6.13
N ARG A 269 8.86 1.82 -4.93
CA ARG A 269 9.48 3.02 -4.42
C ARG A 269 10.99 2.81 -4.33
N HIS A 270 11.74 3.90 -4.38
CA HIS A 270 13.18 3.83 -4.26
C HIS A 270 13.69 5.02 -3.48
N ALA A 271 14.96 4.94 -3.09
CA ALA A 271 15.62 6.04 -2.39
C ALA A 271 17.11 5.92 -2.63
N LEU A 272 17.70 6.93 -3.28
CA LEU A 272 19.14 7.00 -3.47
C LEU A 272 19.77 7.73 -2.29
N PHE A 273 20.81 7.13 -1.70
CA PHE A 273 21.37 7.68 -0.48
C PHE A 273 22.84 7.30 -0.37
N GLY A 274 23.56 7.96 0.53
CA GLY A 274 24.94 7.57 0.77
C GLY A 274 25.53 8.25 1.98
N TRP A 275 26.76 7.86 2.27
CA TRP A 275 27.49 8.30 3.45
C TRP A 275 28.97 8.26 3.12
N ILE A 276 29.69 9.33 3.50
CA ILE A 276 31.13 9.42 3.34
C ILE A 276 31.79 9.99 4.60
N ILE A 277 33.08 9.66 4.74
CA ILE A 277 34.00 10.38 5.61
C ILE A 277 34.95 11.13 4.70
N CYS A 278 35.15 12.42 4.97
CA CYS A 278 36.11 13.25 4.26
C CYS A 278 37.23 13.68 5.23
N LYS A 279 38.38 14.04 4.64
CA LYS A 279 39.53 14.50 5.40
C LYS A 279 40.00 15.83 4.84
N THR A 280 40.55 16.65 5.72
CA THR A 280 41.08 17.91 5.23
CA THR A 280 41.21 17.91 5.34
C THR A 280 42.23 17.68 4.25
N VAL A 281 42.27 18.56 3.25
CA VAL A 281 43.29 18.54 2.20
C VAL A 281 44.40 19.46 2.64
N VAL B 17 -1.24 1.72 10.12
CA VAL B 17 -1.87 1.85 8.80
C VAL B 17 -1.30 3.06 8.05
N THR B 18 -0.56 2.80 6.97
CA THR B 18 -0.02 3.86 6.14
C THR B 18 -0.55 3.86 4.71
N ARG B 19 -1.05 2.74 4.21
CA ARG B 19 -1.52 2.68 2.83
C ARG B 19 -2.70 3.62 2.65
N ASN B 20 -2.95 3.99 1.40
CA ASN B 20 -4.02 4.92 1.05
C ASN B 20 -5.25 4.14 0.58
N LEU B 21 -6.35 4.26 1.32
CA LEU B 21 -7.55 3.48 1.01
C LEU B 21 -8.10 3.81 -0.37
N PRO B 22 -8.24 5.06 -0.79
CA PRO B 22 -8.73 5.31 -2.17
C PRO B 22 -7.90 4.61 -3.22
N LYS B 23 -6.57 4.66 -3.13
CA LYS B 23 -5.73 4.00 -4.12
C LYS B 23 -5.91 2.48 -4.07
N GLN B 24 -5.97 1.90 -2.88
CA GLN B 24 -6.12 0.46 -2.78
C GLN B 24 -7.44 0.00 -3.38
N LEU B 25 -8.51 0.74 -3.09
CA LEU B 25 -9.83 0.34 -3.60
C LEU B 25 -9.93 0.52 -5.10
N THR B 26 -9.22 1.51 -5.66
CA THR B 26 -9.22 1.73 -7.11
C THR B 26 -8.43 0.63 -7.83
N GLN B 27 -7.29 0.23 -7.26
CA GLN B 27 -6.42 -0.78 -7.86
C GLN B 27 -7.09 -2.15 -7.91
N ALA B 28 -7.88 -2.48 -6.91
CA ALA B 28 -8.54 -3.76 -6.82
C ALA B 28 -9.52 -3.97 -7.99
N THR B 29 -9.75 -5.22 -8.37
CA THR B 29 -10.56 -5.54 -9.54
C THR B 29 -12.03 -5.69 -9.16
N GLN B 30 -12.90 -5.02 -9.92
CA GLN B 30 -14.35 -5.14 -9.72
C GLN B 30 -14.89 -6.26 -10.61
N VAL B 31 -15.87 -7.01 -10.09
CA VAL B 31 -16.59 -8.03 -10.84
C VAL B 31 -18.07 -7.87 -10.53
N ALA B 32 -18.91 -7.88 -11.58
CA ALA B 32 -20.37 -7.87 -11.45
C ALA B 32 -20.93 -9.10 -12.16
N TRP B 33 -21.77 -9.85 -11.47
CA TRP B 33 -22.30 -11.11 -11.98
C TRP B 33 -23.81 -11.12 -11.87
N SER B 34 -24.47 -11.64 -12.92
CA SER B 34 -25.91 -11.85 -12.94
C SER B 34 -26.25 -13.30 -13.29
N GLY B 35 -27.27 -13.85 -12.65
CA GLY B 35 -27.75 -15.16 -13.00
C GLY B 35 -28.76 -15.67 -11.99
N PRO B 36 -29.29 -16.86 -12.20
CA PRO B 36 -30.26 -17.42 -11.24
C PRO B 36 -29.60 -17.60 -9.88
N PRO B 37 -30.34 -17.36 -8.79
CA PRO B 37 -29.74 -17.45 -7.47
C PRO B 37 -29.62 -18.90 -7.00
N PRO B 38 -28.75 -19.17 -6.02
CA PRO B 38 -27.92 -18.16 -5.34
C PRO B 38 -26.76 -17.63 -6.21
N GLY B 39 -26.15 -18.53 -7.00
CA GLY B 39 -25.06 -18.16 -7.85
C GLY B 39 -23.77 -17.89 -7.09
N PHE B 40 -22.75 -17.50 -7.87
CA PHE B 40 -21.51 -17.02 -7.28
C PHE B 40 -20.77 -16.19 -8.30
N ALA B 41 -19.97 -15.24 -7.81
CA ALA B 41 -19.04 -14.44 -8.61
C ALA B 41 -17.63 -14.82 -8.22
N LYS B 42 -16.73 -14.96 -9.20
CA LYS B 42 -15.38 -15.43 -8.96
C LYS B 42 -14.39 -14.30 -9.15
N CYS B 43 -13.42 -14.21 -8.25
CA CYS B 43 -12.30 -13.30 -8.47
C CYS B 43 -11.40 -13.79 -9.61
N PRO B 44 -10.74 -12.89 -10.31
CA PRO B 44 -9.66 -13.29 -11.22
C PRO B 44 -8.65 -14.17 -10.51
N GLY B 45 -8.02 -15.05 -11.29
CA GLY B 45 -7.08 -16.00 -10.72
C GLY B 45 -6.06 -15.35 -9.83
N GLY B 46 -5.85 -15.93 -8.66
CA GLY B 46 -4.88 -15.43 -7.73
C GLY B 46 -5.37 -14.31 -6.84
N GLN B 47 -6.56 -13.77 -7.09
CA GLN B 47 -7.11 -12.73 -6.24
C GLN B 47 -8.19 -13.30 -5.30
N VAL B 48 -8.44 -12.55 -4.23
CA VAL B 48 -9.45 -12.89 -3.24
C VAL B 48 -10.32 -11.66 -2.96
N VAL B 49 -11.49 -11.94 -2.37
CA VAL B 49 -12.46 -10.89 -2.08
C VAL B 49 -11.92 -9.96 -0.99
N ILE B 50 -12.00 -8.66 -1.28
CA ILE B 50 -11.82 -7.60 -0.28
C ILE B 50 -13.17 -7.22 0.34
N LEU B 51 -14.19 -7.03 -0.50
CA LEU B 51 -15.51 -6.64 -0.04
C LEU B 51 -16.47 -6.96 -1.18
N GLY B 52 -17.76 -6.96 -0.88
CA GLY B 52 -18.76 -7.11 -1.91
C GLY B 52 -20.10 -7.47 -1.31
N PHE B 53 -21.10 -7.63 -2.18
CA PHE B 53 -22.43 -7.98 -1.74
C PHE B 53 -23.05 -8.96 -2.72
N ALA B 54 -24.00 -9.74 -2.22
CA ALA B 54 -24.85 -10.59 -3.05
C ALA B 54 -26.29 -10.28 -2.76
N MET B 55 -27.07 -10.07 -3.82
CA MET B 55 -28.50 -9.85 -3.72
CA MET B 55 -28.51 -9.85 -3.72
C MET B 55 -29.28 -11.00 -4.33
N HIS B 56 -30.44 -11.26 -3.73
CA HIS B 56 -31.54 -11.96 -4.35
CA HIS B 56 -31.54 -11.97 -4.34
C HIS B 56 -32.65 -10.95 -4.57
N LEU B 57 -33.19 -10.90 -5.79
CA LEU B 57 -34.21 -9.93 -6.17
C LEU B 57 -35.25 -10.65 -7.01
N ASN B 58 -36.50 -10.23 -6.86
CA ASN B 58 -37.61 -10.69 -7.71
C ASN B 58 -38.64 -9.58 -7.72
N PHE B 59 -38.81 -8.89 -8.84
CA PHE B 59 -39.71 -7.75 -8.93
C PHE B 59 -41.04 -8.11 -9.58
N LYS B 60 -41.44 -9.38 -9.49
CA LYS B 60 -42.75 -9.81 -9.97
C LYS B 60 -43.58 -10.48 -8.89
N GLU B 61 -43.02 -11.43 -8.16
CA GLU B 61 -43.82 -12.18 -7.21
C GLU B 61 -44.20 -11.33 -6.01
N PRO B 62 -45.32 -11.63 -5.37
CA PRO B 62 -45.76 -10.81 -4.23
C PRO B 62 -44.90 -10.99 -2.99
N GLY B 63 -45.02 -10.02 -2.09
CA GLY B 63 -44.37 -10.09 -0.80
C GLY B 63 -42.98 -9.51 -0.84
N THR B 64 -42.27 -9.63 0.29
CA THR B 64 -40.93 -9.06 0.41
C THR B 64 -39.83 -10.06 0.74
N ASP B 65 -40.14 -11.34 0.85
CA ASP B 65 -39.12 -12.33 1.19
C ASP B 65 -38.10 -12.51 0.08
N ASN B 66 -38.44 -12.19 -1.17
CA ASN B 66 -37.51 -12.40 -2.28
C ASN B 66 -36.50 -11.27 -2.46
N PHE B 67 -36.43 -10.34 -1.52
CA PHE B 67 -35.42 -9.28 -1.53
C PHE B 67 -34.46 -9.55 -0.38
N ARG B 68 -33.18 -9.73 -0.69
CA ARG B 68 -32.19 -10.05 0.32
C ARG B 68 -30.84 -9.48 -0.14
N ILE B 69 -30.06 -8.94 0.80
CA ILE B 69 -28.66 -8.60 0.55
C ILE B 69 -27.81 -9.20 1.66
N ILE B 70 -26.68 -9.80 1.29
CA ILE B 70 -25.67 -10.28 2.23
C ILE B 70 -24.31 -9.73 1.81
N SER B 71 -23.37 -9.74 2.74
CA SER B 71 -22.01 -9.35 2.45
CA SER B 71 -22.03 -9.33 2.39
C SER B 71 -21.25 -10.52 1.82
N CYS B 72 -20.20 -10.21 1.07
CA CYS B 72 -19.26 -11.21 0.55
C CYS B 72 -18.06 -11.29 1.49
N PRO B 73 -17.86 -12.41 2.20
CA PRO B 73 -16.78 -12.45 3.21
C PRO B 73 -15.41 -12.35 2.58
N PRO B 74 -14.48 -11.66 3.23
CA PRO B 74 -13.17 -11.41 2.62
C PRO B 74 -12.27 -12.64 2.65
N GLY B 75 -11.35 -12.66 1.69
CA GLY B 75 -10.33 -13.68 1.67
C GLY B 75 -10.71 -14.94 0.92
N ARG B 76 -11.95 -15.02 0.43
CA ARG B 76 -12.41 -16.13 -0.37
C ARG B 76 -12.12 -15.87 -1.85
N GLU B 77 -12.00 -16.94 -2.63
CA GLU B 77 -11.76 -16.79 -4.06
CA GLU B 77 -11.77 -16.84 -4.06
C GLU B 77 -13.02 -16.44 -4.84
N LYS B 78 -14.19 -16.55 -4.22
CA LYS B 78 -15.45 -16.24 -4.86
C LYS B 78 -16.39 -15.69 -3.79
N CYS B 79 -17.50 -15.12 -4.23
CA CYS B 79 -18.61 -14.77 -3.35
C CYS B 79 -19.82 -15.59 -3.74
N ASP B 80 -20.29 -16.42 -2.82
CA ASP B 80 -21.50 -17.18 -3.03
C ASP B 80 -22.73 -16.35 -2.65
N GLY B 81 -23.79 -16.51 -3.43
CA GLY B 81 -24.99 -15.73 -3.25
C GLY B 81 -25.98 -16.35 -2.27
N VAL B 82 -27.22 -15.92 -2.42
CA VAL B 82 -28.24 -16.21 -1.42
C VAL B 82 -29.60 -16.33 -2.10
N GLY B 83 -30.52 -17.03 -1.44
CA GLY B 83 -31.85 -17.20 -1.97
C GLY B 83 -31.94 -18.36 -2.93
N THR B 84 -33.17 -18.69 -3.32
CA THR B 84 -33.43 -19.88 -4.12
C THR B 84 -34.14 -19.51 -5.42
N ALA B 85 -33.87 -20.32 -6.46
CA ALA B 85 -34.45 -20.12 -7.79
C ALA B 85 -35.78 -20.86 -7.90
N SER B 86 -36.80 -20.27 -7.27
CA SER B 86 -38.12 -20.89 -7.27
C SER B 86 -38.91 -20.59 -8.54
N SER B 87 -38.66 -19.44 -9.15
CA SER B 87 -39.29 -19.08 -10.42
CA SER B 87 -39.29 -19.04 -10.40
C SER B 87 -38.24 -18.39 -11.29
N GLU B 88 -38.54 -18.27 -12.58
CA GLU B 88 -37.64 -17.58 -13.50
C GLU B 88 -37.39 -16.14 -13.09
N THR B 89 -38.36 -15.51 -12.43
CA THR B 89 -38.23 -14.11 -12.03
C THR B 89 -37.34 -13.92 -10.80
N ASP B 90 -36.92 -15.00 -10.14
CA ASP B 90 -35.88 -14.91 -9.11
C ASP B 90 -34.52 -14.73 -9.77
N GLU B 91 -33.78 -13.70 -9.35
CA GLU B 91 -32.44 -13.44 -9.89
C GLU B 91 -31.45 -13.11 -8.78
N GLY B 92 -30.19 -13.45 -9.06
CA GLY B 92 -29.06 -13.05 -8.25
C GLY B 92 -28.26 -11.96 -8.94
N ARG B 93 -27.72 -11.04 -8.13
CA ARG B 93 -26.83 -9.97 -8.58
C ARG B 93 -25.71 -9.91 -7.54
N ILE B 94 -24.48 -10.20 -7.95
CA ILE B 94 -23.35 -10.28 -7.03
C ILE B 94 -22.26 -9.33 -7.51
N TYR B 95 -21.73 -8.52 -6.59
CA TYR B 95 -20.70 -7.53 -6.86
C TYR B 95 -19.53 -7.80 -5.91
N ILE B 96 -18.32 -7.94 -6.45
CA ILE B 96 -17.14 -8.12 -5.61
C ILE B 96 -16.02 -7.20 -6.06
N LEU B 97 -15.19 -6.85 -5.07
CA LEU B 97 -13.93 -6.17 -5.28
C LEU B 97 -12.84 -7.14 -4.80
N CYS B 98 -11.88 -7.43 -5.69
CA CYS B 98 -10.89 -8.48 -5.48
C CYS B 98 -9.48 -7.90 -5.49
N GLY B 99 -8.62 -8.46 -4.64
CA GLY B 99 -7.22 -8.07 -4.65
C GLY B 99 -6.30 -9.19 -4.21
N GLU B 100 -5.03 -8.87 -4.01
CA GLU B 100 -4.08 -9.92 -3.66
C GLU B 100 -4.35 -10.48 -2.27
N GLU B 101 -4.86 -9.65 -1.36
CA GLU B 101 -5.16 -10.06 0.01
C GLU B 101 -6.26 -9.15 0.55
N PRO B 102 -6.94 -9.56 1.61
CA PRO B 102 -7.96 -8.69 2.21
C PRO B 102 -7.34 -7.45 2.81
N ILE B 103 -8.20 -6.47 3.07
CA ILE B 103 -7.88 -5.30 3.88
C ILE B 103 -8.53 -5.57 5.22
N ASN B 104 -7.74 -6.04 6.19
CA ASN B 104 -8.33 -6.58 7.41
C ASN B 104 -9.07 -5.54 8.23
N GLU B 105 -8.77 -4.26 8.04
CA GLU B 105 -9.43 -3.18 8.76
C GLU B 105 -10.87 -2.93 8.29
N ILE B 106 -11.26 -3.47 7.13
CA ILE B 106 -12.63 -3.33 6.64
C ILE B 106 -13.52 -4.38 7.29
N GLN B 107 -14.70 -3.95 7.71
CA GLN B 107 -15.78 -4.81 8.20
C GLN B 107 -17.07 -4.42 7.50
N GLN B 108 -17.83 -5.41 7.06
CA GLN B 108 -19.07 -5.17 6.33
C GLN B 108 -20.28 -5.46 7.21
N VAL B 109 -21.37 -4.75 6.96
CA VAL B 109 -22.61 -4.86 7.71
C VAL B 109 -23.78 -4.86 6.73
N VAL B 110 -24.75 -5.76 6.95
CA VAL B 110 -26.04 -5.69 6.25
C VAL B 110 -27.17 -5.63 7.27
N ALA B 111 -28.32 -5.15 6.81
CA ALA B 111 -29.53 -5.10 7.61
C ALA B 111 -30.74 -5.09 6.69
N GLU B 112 -31.85 -5.60 7.21
CA GLU B 112 -33.12 -5.56 6.48
C GLU B 112 -34.26 -5.45 7.47
N SER B 113 -35.35 -4.89 6.99
CA SER B 113 -36.58 -4.85 7.78
C SER B 113 -37.30 -6.20 7.79
N PRO B 114 -37.97 -6.51 8.90
CA PRO B 114 -38.82 -7.70 8.94
C PRO B 114 -39.98 -7.60 7.95
N ALA B 115 -40.53 -8.74 7.58
CA ALA B 115 -41.77 -8.73 6.82
C ALA B 115 -42.80 -7.92 7.58
N HIS B 116 -43.45 -6.98 6.89
CA HIS B 116 -44.54 -6.16 7.42
C HIS B 116 -44.05 -5.02 8.31
N ALA B 117 -42.75 -4.92 8.58
CA ALA B 117 -42.18 -3.81 9.36
C ALA B 117 -41.48 -2.79 8.49
N GLY B 118 -41.89 -2.68 7.23
CA GLY B 118 -41.20 -1.76 6.32
C GLY B 118 -41.55 -0.30 6.48
N ALA B 119 -42.55 0.05 7.30
CA ALA B 119 -42.96 1.44 7.49
C ALA B 119 -42.02 2.21 8.40
N SER B 120 -41.07 1.54 9.03
CA SER B 120 -40.13 2.18 9.92
C SER B 120 -38.83 2.39 9.19
N VAL B 121 -38.00 3.24 9.79
CA VAL B 121 -36.66 3.51 9.28
C VAL B 121 -35.74 2.38 9.68
N LEU B 122 -34.97 1.88 8.71
CA LEU B 122 -33.96 0.85 8.97
C LEU B 122 -32.66 1.52 9.35
N GLU B 123 -32.02 0.98 10.39
CA GLU B 123 -30.76 1.54 10.88
CA GLU B 123 -30.78 1.52 10.94
C GLU B 123 -29.76 0.41 11.07
N ALA B 124 -28.52 0.70 10.74
CA ALA B 124 -27.41 -0.20 10.99
C ALA B 124 -26.22 0.63 11.44
N SER B 125 -25.42 0.07 12.34
CA SER B 125 -24.27 0.78 12.88
CA SER B 125 -24.27 0.77 12.89
C SER B 125 -22.99 0.03 12.56
N CYS B 126 -21.90 0.79 12.43
CA CYS B 126 -20.60 0.18 12.26
C CYS B 126 -20.14 -0.43 13.59
N PRO B 127 -19.35 -1.48 13.54
CA PRO B 127 -18.81 -2.04 14.78
C PRO B 127 -17.87 -1.05 15.48
N ASP B 128 -17.78 -1.19 16.80
CA ASP B 128 -17.18 -0.13 17.63
C ASP B 128 -15.83 0.35 17.08
N GLU B 129 -15.61 1.66 17.12
CA GLU B 129 -14.38 2.28 16.70
C GLU B 129 -14.17 2.23 15.18
N THR B 130 -15.19 1.86 14.40
CA THR B 130 -15.09 2.00 12.95
C THR B 130 -16.12 3.02 12.45
N VAL B 131 -15.87 3.50 11.23
CA VAL B 131 -16.75 4.48 10.59
C VAL B 131 -17.04 4.03 9.16
N VAL B 132 -18.09 4.61 8.60
CA VAL B 132 -18.54 4.23 7.26
C VAL B 132 -17.50 4.61 6.22
N VAL B 133 -17.17 3.66 5.35
CA VAL B 133 -16.53 3.93 4.05
C VAL B 133 -17.56 4.25 2.99
N GLY B 134 -18.55 3.38 2.86
CA GLY B 134 -19.66 3.65 1.95
C GLY B 134 -20.66 2.52 2.00
N GLY B 135 -21.65 2.63 1.13
CA GLY B 135 -22.69 1.64 1.05
C GLY B 135 -23.97 2.29 0.56
N PHE B 136 -25.04 1.51 0.57
CA PHE B 136 -26.33 1.99 0.09
C PHE B 136 -27.46 1.21 0.74
N GLY B 137 -28.63 1.84 0.75
CA GLY B 137 -29.87 1.20 1.14
C GLY B 137 -30.89 1.32 0.03
N ILE B 138 -31.75 0.33 -0.04
CA ILE B 138 -32.81 0.22 -1.03
C ILE B 138 -34.13 -0.03 -0.33
N SER B 139 -35.19 0.58 -0.84
CA SER B 139 -36.54 0.25 -0.41
C SER B 139 -37.33 -0.23 -1.61
N VAL B 140 -38.15 -1.27 -1.36
CA VAL B 140 -38.82 -2.03 -2.41
CA VAL B 140 -38.81 -2.06 -2.40
C VAL B 140 -40.21 -2.43 -1.92
N ARG B 141 -41.04 -2.89 -2.87
CA ARG B 141 -42.29 -3.57 -2.62
C ARG B 141 -42.39 -4.70 -3.64
N GLY B 142 -43.02 -5.82 -3.25
CA GLY B 142 -43.24 -6.94 -4.13
C GLY B 142 -44.40 -6.70 -5.08
N GLY B 143 -44.67 -7.72 -5.87
CA GLY B 143 -45.74 -7.67 -6.85
C GLY B 143 -45.31 -7.04 -8.17
N SER B 144 -46.18 -7.20 -9.17
CA SER B 144 -45.84 -6.79 -10.53
C SER B 144 -45.62 -5.28 -10.64
N ASP B 145 -46.28 -4.48 -9.82
CA ASP B 145 -46.12 -3.03 -9.84
C ASP B 145 -45.19 -2.52 -8.74
N GLY B 146 -44.56 -3.42 -7.99
CA GLY B 146 -43.83 -3.01 -6.79
C GLY B 146 -42.65 -2.10 -7.05
N LEU B 147 -42.06 -2.15 -8.24
CA LEU B 147 -40.99 -1.22 -8.57
C LEU B 147 -41.44 0.22 -8.55
N ASP B 148 -42.76 0.50 -8.57
CA ASP B 148 -43.21 1.87 -8.41
C ASP B 148 -42.80 2.45 -7.07
N SER B 149 -42.46 1.61 -6.10
CA SER B 149 -42.02 2.06 -4.79
C SER B 149 -40.51 1.99 -4.58
N PHE B 150 -39.73 1.78 -5.64
CA PHE B 150 -38.28 1.64 -5.50
C PHE B 150 -37.60 2.96 -5.15
N SER B 151 -36.61 2.88 -4.25
CA SER B 151 -35.70 4.00 -4.01
C SER B 151 -34.35 3.45 -3.57
N ILE B 152 -33.32 4.28 -3.75
CA ILE B 152 -31.97 4.00 -3.26
C ILE B 152 -31.43 5.26 -2.59
N GLU B 153 -30.64 5.07 -1.51
CA GLU B 153 -29.93 6.17 -0.87
CA GLU B 153 -29.97 6.14 -0.77
C GLU B 153 -28.54 5.67 -0.50
N SER B 154 -27.54 6.55 -0.64
CA SER B 154 -26.19 6.18 -0.24
C SER B 154 -25.96 6.38 1.24
N CYS B 155 -25.09 5.55 1.81
CA CYS B 155 -24.50 5.79 3.11
C CYS B 155 -23.43 6.87 2.98
N THR B 156 -23.01 7.45 4.10
CA THR B 156 -22.19 8.66 4.09
C THR B 156 -20.89 8.41 4.84
N THR B 157 -19.79 8.59 4.12
CA THR B 157 -18.47 8.37 4.67
C THR B 157 -18.24 9.16 5.94
N GLY B 158 -17.73 8.47 6.96
CA GLY B 158 -17.32 9.08 8.20
C GLY B 158 -18.36 9.09 9.31
N GLN B 159 -19.59 8.63 9.03
CA GLN B 159 -20.58 8.43 10.07
C GLN B 159 -20.35 7.08 10.74
N THR B 160 -21.06 6.84 11.84
CA THR B 160 -21.05 5.54 12.50
C THR B 160 -22.30 4.71 12.20
N ILE B 161 -23.19 5.21 11.34
CA ILE B 161 -24.50 4.63 11.10
C ILE B 161 -24.83 4.81 9.63
N CYS B 162 -25.75 4.00 9.16
CA CYS B 162 -26.42 4.22 7.89
C CYS B 162 -27.89 3.88 8.09
N THR B 163 -28.77 4.67 7.48
CA THR B 163 -30.20 4.44 7.60
C THR B 163 -30.86 4.47 6.24
N LYS B 164 -32.05 3.87 6.16
CA LYS B 164 -32.87 3.91 4.95
C LYS B 164 -34.31 4.05 5.38
N ALA B 165 -34.98 5.08 4.89
CA ALA B 165 -36.36 5.37 5.23
C ALA B 165 -37.30 4.90 4.12
N PRO B 166 -38.51 4.47 4.48
CA PRO B 166 -39.47 4.07 3.47
C PRO B 166 -39.90 5.27 2.65
N THR B 167 -40.26 4.99 1.41
CA THR B 167 -40.89 6.07 0.66
C THR B 167 -41.70 5.45 -0.48
N ARG B 168 -42.66 6.23 -0.96
CA ARG B 168 -43.40 5.87 -2.16
C ARG B 168 -44.14 4.53 -2.00
N GLY B 169 -44.56 4.19 -0.77
CA GLY B 169 -45.31 2.96 -0.53
C GLY B 169 -44.48 1.69 -0.37
N SER B 170 -43.18 1.81 -0.15
CA SER B 170 -42.35 0.63 0.00
C SER B 170 -42.74 -0.17 1.24
N GLU B 171 -42.43 -1.47 1.20
CA GLU B 171 -42.75 -2.41 2.28
C GLU B 171 -41.52 -3.10 2.84
N LYS B 172 -40.35 -2.88 2.27
CA LYS B 172 -39.13 -3.45 2.81
C LYS B 172 -37.97 -2.50 2.55
N ASN B 173 -37.08 -2.40 3.53
CA ASN B 173 -35.81 -1.69 3.41
C ASN B 173 -34.69 -2.68 3.62
N PHE B 174 -33.59 -2.53 2.89
CA PHE B 174 -32.39 -3.32 3.13
C PHE B 174 -31.16 -2.47 2.81
N LEU B 175 -30.03 -2.81 3.43
CA LEU B 175 -28.83 -2.01 3.19
C LEU B 175 -27.58 -2.87 3.38
N TRP B 176 -26.52 -2.42 2.72
CA TRP B 176 -25.17 -2.99 2.85
C TRP B 176 -24.18 -1.84 2.96
N MET B 177 -23.23 -1.98 3.87
CA MET B 177 -22.18 -0.98 4.00
C MET B 177 -20.87 -1.62 4.42
N MET B 178 -19.82 -0.84 4.15
CA MET B 178 -18.45 -1.13 4.55
CA MET B 178 -18.45 -1.14 4.55
C MET B 178 -18.01 -0.10 5.58
N CYS B 179 -17.36 -0.57 6.65
CA CYS B 179 -16.83 0.25 7.71
C CYS B 179 -15.34 -0.01 7.83
N VAL B 180 -14.59 0.94 8.39
CA VAL B 180 -13.15 0.80 8.54
C VAL B 180 -12.70 1.49 9.81
N ASP B 181 -11.58 1.03 10.35
CA ASP B 181 -10.97 1.68 11.49
C ASP B 181 -10.82 3.17 11.20
N LYS B 182 -11.14 4.00 12.19
CA LYS B 182 -11.33 5.42 11.91
C LYS B 182 -10.06 6.16 11.47
N GLN B 183 -8.86 5.63 11.75
CA GLN B 183 -7.63 6.30 11.36
C GLN B 183 -7.06 5.86 10.01
N TYR B 184 -7.80 5.09 9.22
CA TYR B 184 -7.24 4.57 7.98
C TYR B 184 -6.93 5.72 7.03
N PRO B 185 -5.72 5.81 6.50
CA PRO B 185 -5.38 6.96 5.65
C PRO B 185 -6.25 7.05 4.41
N GLY B 186 -6.64 8.29 4.07
CA GLY B 186 -7.34 8.56 2.84
C GLY B 186 -8.84 8.53 2.90
N LEU B 187 -9.41 8.10 4.03
CA LEU B 187 -10.86 8.03 4.18
C LEU B 187 -11.51 9.36 3.82
N ARG B 188 -10.90 10.50 4.22
CA ARG B 188 -11.49 11.82 3.98
C ARG B 188 -11.55 12.19 2.51
N GLU B 189 -10.84 11.48 1.64
CA GLU B 189 -10.86 11.72 0.21
C GLU B 189 -12.06 11.07 -0.49
N LEU B 190 -12.87 10.28 0.23
CA LEU B 190 -13.93 9.48 -0.38
C LEU B 190 -15.29 10.13 -0.18
N VAL B 191 -16.17 9.94 -1.17
CA VAL B 191 -17.55 10.39 -1.13
C VAL B 191 -18.41 9.35 -1.85
N ASN B 192 -19.60 9.10 -1.32
CA ASN B 192 -20.58 8.20 -1.92
C ASN B 192 -21.65 8.99 -2.68
N VAL B 193 -22.10 8.42 -3.80
CA VAL B 193 -23.23 8.94 -4.57
C VAL B 193 -24.11 7.77 -4.99
N ALA B 194 -25.40 7.86 -4.76
CA ALA B 194 -26.36 6.92 -5.34
C ALA B 194 -27.41 7.72 -6.09
N GLU B 195 -27.97 7.11 -7.13
CA GLU B 195 -28.93 7.80 -8.00
C GLU B 195 -29.97 6.82 -8.48
N LEU B 196 -31.22 7.29 -8.51
CA LEU B 196 -32.32 6.67 -9.23
C LEU B 196 -32.54 7.49 -10.49
N GLY B 197 -32.35 6.85 -11.63
CA GLY B 197 -32.62 7.45 -12.92
C GLY B 197 -34.02 7.15 -13.39
N SER B 198 -34.16 6.85 -14.68
CA SER B 198 -35.48 6.61 -15.25
C SER B 198 -36.15 5.41 -14.59
N HIS B 199 -37.44 5.53 -14.34
CA HIS B 199 -38.19 4.48 -13.69
C HIS B 199 -39.66 4.66 -13.99
N GLY B 200 -40.41 3.57 -13.87
CA GLY B 200 -41.83 3.53 -14.23
C GLY B 200 -42.09 2.35 -15.16
N ASN B 201 -43.01 2.49 -16.08
CA ASN B 201 -43.25 1.44 -17.04
C ASN B 201 -42.07 1.31 -18.00
N ALA B 202 -41.73 0.07 -18.34
CA ALA B 202 -40.75 -0.21 -19.37
C ALA B 202 -41.35 0.01 -20.75
N ASN B 203 -40.50 0.07 -21.77
CA ASN B 203 -40.90 0.41 -23.14
C ASN B 203 -40.10 -0.43 -24.13
N LYS B 204 -40.73 -1.45 -24.72
CA LYS B 204 -40.03 -2.30 -25.69
C LYS B 204 -39.77 -1.62 -27.01
N ARG B 205 -40.33 -0.44 -27.25
CA ARG B 205 -40.01 0.33 -28.46
C ARG B 205 -38.68 1.05 -28.35
N ALA B 206 -38.14 1.19 -27.15
CA ALA B 206 -36.91 1.97 -26.92
C ALA B 206 -35.73 1.01 -26.91
N VAL B 207 -35.22 0.71 -28.11
CA VAL B 207 -34.21 -0.33 -28.33
C VAL B 207 -32.91 0.06 -27.62
N ASN B 208 -32.62 -0.64 -26.52
CA ASN B 208 -31.44 -0.37 -25.71
C ASN B 208 -31.33 1.11 -25.32
N SER B 209 -32.48 1.78 -25.21
CA SER B 209 -32.51 3.22 -24.97
CA SER B 209 -32.52 3.22 -24.97
C SER B 209 -33.69 3.57 -24.08
N ASP B 210 -34.09 2.65 -23.21
CA ASP B 210 -35.29 2.80 -22.41
C ASP B 210 -34.94 3.55 -21.13
N GLY B 211 -34.79 4.86 -21.25
CA GLY B 211 -34.35 5.66 -20.12
C GLY B 211 -32.88 5.43 -19.82
N ASN B 212 -32.42 6.08 -18.75
CA ASN B 212 -31.02 5.96 -18.37
C ASN B 212 -30.83 6.30 -16.90
N VAL B 213 -29.66 5.94 -16.39
CA VAL B 213 -29.17 6.47 -15.13
C VAL B 213 -27.78 7.05 -15.39
N ASP B 214 -27.47 8.14 -14.71
CA ASP B 214 -26.19 8.83 -14.82
C ASP B 214 -25.76 9.17 -13.39
N VAL B 215 -24.86 8.38 -12.82
CA VAL B 215 -24.39 8.59 -11.45
C VAL B 215 -23.11 9.40 -11.54
N LYS B 216 -23.12 10.64 -11.01
CA LYS B 216 -22.03 11.57 -11.22
C LYS B 216 -21.20 11.81 -9.95
N CYS B 217 -19.88 11.82 -10.10
CA CYS B 217 -19.05 12.29 -9.01
C CYS B 217 -19.20 13.79 -8.82
N PRO B 218 -19.02 14.30 -7.61
CA PRO B 218 -18.88 15.76 -7.45
C PRO B 218 -17.63 16.25 -8.20
N ALA B 219 -17.67 17.53 -8.58
CA ALA B 219 -16.55 18.12 -9.29
C ALA B 219 -15.25 17.86 -8.53
N ASN B 220 -14.19 17.55 -9.27
CA ASN B 220 -12.85 17.35 -8.73
C ASN B 220 -12.68 16.02 -8.00
N SER B 221 -13.59 15.07 -8.22
CA SER B 221 -13.43 13.69 -7.78
CA SER B 221 -13.42 13.69 -7.79
C SER B 221 -13.70 12.78 -8.96
N SER B 222 -13.24 11.54 -8.86
CA SER B 222 -13.41 10.58 -9.92
C SER B 222 -13.65 9.20 -9.31
N ILE B 223 -14.15 8.26 -10.12
CA ILE B 223 -14.68 7.02 -9.58
C ILE B 223 -13.58 6.11 -9.03
N VAL B 224 -13.83 5.57 -7.84
CA VAL B 224 -13.08 4.47 -7.26
C VAL B 224 -13.68 3.13 -7.69
N LEU B 225 -14.97 2.96 -7.42
CA LEU B 225 -15.69 1.73 -7.71
C LEU B 225 -17.18 2.07 -7.72
N GLY B 226 -17.99 1.13 -8.22
CA GLY B 226 -19.44 1.25 -8.09
C GLY B 226 -20.14 0.33 -9.08
N TYR B 227 -21.45 0.49 -9.17
CA TYR B 227 -22.19 -0.29 -10.16
C TYR B 227 -23.42 0.49 -10.61
N VAL B 228 -23.95 0.08 -11.77
CA VAL B 228 -25.25 0.49 -12.29
C VAL B 228 -26.04 -0.77 -12.64
N MET B 229 -27.36 -0.68 -12.51
CA MET B 229 -28.24 -1.81 -12.70
C MET B 229 -29.58 -1.33 -13.23
N GLU B 230 -30.19 -2.17 -14.08
CA GLU B 230 -31.61 -2.03 -14.41
C GLU B 230 -32.40 -3.04 -13.55
N ALA B 231 -33.13 -2.54 -12.56
CA ALA B 231 -34.15 -3.34 -11.90
C ALA B 231 -35.33 -3.45 -12.86
N HIS B 232 -36.00 -4.59 -12.85
CA HIS B 232 -37.04 -4.84 -13.85
C HIS B 232 -37.96 -5.94 -13.32
N THR B 233 -39.25 -5.84 -13.64
CA THR B 233 -40.19 -6.88 -13.27
C THR B 233 -39.67 -8.26 -13.63
N ASN B 234 -39.06 -8.39 -14.81
CA ASN B 234 -38.50 -9.63 -15.31
C ASN B 234 -36.98 -9.54 -15.36
N MET B 235 -36.35 -9.64 -14.17
CA MET B 235 -34.90 -9.52 -14.04
C MET B 235 -34.13 -10.50 -14.90
N GLN B 236 -34.74 -11.64 -15.19
CA GLN B 236 -34.07 -12.68 -15.97
C GLN B 236 -33.80 -12.25 -17.42
N PHE B 237 -34.43 -11.15 -17.88
CA PHE B 237 -34.20 -10.68 -19.24
C PHE B 237 -33.29 -9.45 -19.33
N VAL B 238 -32.74 -8.98 -18.20
CA VAL B 238 -31.86 -7.81 -18.19
C VAL B 238 -30.56 -8.12 -17.44
N ARG B 239 -30.08 -9.36 -17.55
CA ARG B 239 -28.86 -9.74 -16.86
C ARG B 239 -27.66 -8.92 -17.30
N ASP B 240 -27.63 -8.47 -18.56
CA ASP B 240 -26.54 -7.65 -19.06
C ASP B 240 -26.55 -6.25 -18.47
N LYS B 241 -27.66 -5.83 -17.91
CA LYS B 241 -27.83 -4.49 -17.34
C LYS B 241 -27.46 -4.51 -15.85
N PHE B 242 -26.21 -4.92 -15.60
CA PHE B 242 -25.59 -4.88 -14.29
C PHE B 242 -24.10 -4.81 -14.55
N LEU B 243 -23.48 -3.66 -14.29
CA LEU B 243 -22.11 -3.45 -14.68
C LEU B 243 -21.39 -2.64 -13.62
N GLN B 244 -20.11 -2.96 -13.43
CA GLN B 244 -19.26 -2.14 -12.60
CA GLN B 244 -19.25 -2.14 -12.59
C GLN B 244 -19.03 -0.79 -13.25
N CYS B 245 -18.64 0.18 -12.44
CA CYS B 245 -18.42 1.53 -12.92
C CYS B 245 -16.94 1.80 -13.18
N PRO B 246 -16.63 2.63 -14.17
CA PRO B 246 -15.25 2.75 -14.65
C PRO B 246 -14.37 3.58 -13.72
N GLU B 247 -13.22 3.00 -13.33
CA GLU B 247 -12.26 3.72 -12.50
C GLU B 247 -11.85 5.02 -13.17
N ASN B 248 -11.79 6.08 -12.37
CA ASN B 248 -11.24 7.37 -12.74
C ASN B 248 -12.11 8.10 -13.75
N ALA B 249 -13.32 7.62 -14.03
CA ALA B 249 -14.27 8.40 -14.79
C ALA B 249 -14.99 9.39 -13.89
N SER B 250 -15.65 10.38 -14.50
CA SER B 250 -16.40 11.37 -13.75
C SER B 250 -17.84 10.94 -13.48
N GLU B 251 -18.30 9.89 -14.14
CA GLU B 251 -19.69 9.47 -14.00
C GLU B 251 -19.81 8.04 -14.53
N CYS B 252 -20.92 7.41 -14.17
CA CYS B 252 -21.23 6.04 -14.57
C CYS B 252 -22.64 6.02 -15.14
N LYS B 253 -22.80 5.50 -16.35
CA LYS B 253 -24.05 5.62 -17.11
C LYS B 253 -24.50 4.26 -17.61
N MET B 254 -25.82 4.09 -17.70
CA MET B 254 -26.41 2.89 -18.29
C MET B 254 -27.79 3.24 -18.85
N THR B 255 -28.13 2.68 -20.01
CA THR B 255 -29.46 2.80 -20.59
C THR B 255 -30.31 1.58 -20.26
N GLY B 256 -31.61 1.77 -20.27
CA GLY B 256 -32.53 0.64 -20.13
C GLY B 256 -32.55 -0.21 -21.40
N LYS B 257 -32.77 -1.52 -21.22
CA LYS B 257 -32.69 -2.44 -22.34
CA LYS B 257 -32.70 -2.46 -22.33
C LYS B 257 -33.87 -2.31 -23.30
N GLY B 258 -35.05 -1.97 -22.79
CA GLY B 258 -36.26 -1.93 -23.60
C GLY B 258 -36.93 -3.29 -23.67
N VAL B 259 -37.23 -3.84 -22.49
CA VAL B 259 -37.90 -5.13 -22.33
C VAL B 259 -39.27 -4.90 -21.73
N ASP B 260 -40.32 -5.46 -22.35
CA ASP B 260 -41.65 -5.40 -21.74
C ASP B 260 -42.29 -6.75 -22.05
N HIS B 261 -42.06 -7.69 -21.15
CA HIS B 261 -42.35 -9.08 -21.41
C HIS B 261 -43.75 -9.50 -21.06
N GLY B 262 -44.36 -8.85 -20.06
CA GLY B 262 -45.63 -9.30 -19.52
C GLY B 262 -46.61 -9.67 -20.61
N MET B 263 -47.15 -10.88 -20.58
CA MET B 263 -47.95 -11.44 -21.66
C MET B 263 -49.44 -11.28 -21.41
N LEU B 264 -49.81 -10.47 -20.42
CA LEU B 264 -51.20 -10.03 -20.28
C LEU B 264 -51.25 -8.58 -20.76
N TRP B 265 -52.00 -7.74 -20.06
CA TRP B 265 -52.23 -6.35 -20.44
C TRP B 265 -51.44 -5.34 -19.59
N LEU B 266 -50.64 -5.78 -18.62
CA LEU B 266 -49.93 -4.86 -17.74
C LEU B 266 -48.50 -4.60 -18.21
N PHE B 267 -48.03 -3.36 -18.01
CA PHE B 267 -46.65 -3.01 -18.35
C PHE B 267 -45.71 -3.62 -17.32
N ASP B 268 -44.63 -4.25 -17.78
CA ASP B 268 -43.50 -4.46 -16.89
C ASP B 268 -43.03 -3.09 -16.38
N ARG B 269 -42.43 -3.10 -15.20
CA ARG B 269 -41.89 -1.89 -14.62
C ARG B 269 -40.38 -2.05 -14.52
N HIS B 270 -39.67 -0.93 -14.53
CA HIS B 270 -38.22 -0.95 -14.40
C HIS B 270 -37.74 0.27 -13.62
N ALA B 271 -36.48 0.22 -13.19
CA ALA B 271 -35.85 1.35 -12.51
C ALA B 271 -34.35 1.24 -12.76
N LEU B 272 -33.77 2.24 -13.40
CA LEU B 272 -32.32 2.32 -13.61
C LEU B 272 -31.71 3.05 -12.42
N PHE B 273 -30.67 2.47 -11.82
CA PHE B 273 -30.12 3.06 -10.61
C PHE B 273 -28.65 2.68 -10.47
N GLY B 274 -27.95 3.33 -9.56
CA GLY B 274 -26.58 2.93 -9.31
C GLY B 274 -26.01 3.62 -8.09
N TRP B 275 -24.76 3.25 -7.79
CA TRP B 275 -24.06 3.70 -6.61
C TRP B 275 -22.57 3.68 -6.92
N ILE B 276 -21.87 4.77 -6.54
CA ILE B 276 -20.44 4.89 -6.71
C ILE B 276 -19.80 5.45 -5.45
N ILE B 277 -18.52 5.12 -5.27
CA ILE B 277 -17.60 5.87 -4.42
C ILE B 277 -16.63 6.62 -5.33
N CYS B 278 -16.44 7.90 -5.06
CA CYS B 278 -15.49 8.74 -5.76
C CYS B 278 -14.39 9.18 -4.80
N LYS B 279 -13.25 9.54 -5.36
CA LYS B 279 -12.11 10.03 -4.60
C LYS B 279 -11.63 11.36 -5.19
N THR B 280 -11.13 12.22 -4.32
CA THR B 280 -10.60 13.48 -4.81
C THR B 280 -9.43 13.25 -5.77
N VAL B 281 -9.36 14.09 -6.79
CA VAL B 281 -8.38 13.95 -7.87
C VAL B 281 -7.05 14.53 -7.46
#